data_6EZP
#
_entry.id   6EZP
#
_cell.length_a   54.056
_cell.length_b   60.547
_cell.length_c   70.049
_cell.angle_alpha   90.00
_cell.angle_beta   90.00
_cell.angle_gamma   90.00
#
_symmetry.space_group_name_H-M   'P 21 21 21'
#
loop_
_entity.id
_entity.type
_entity.pdbx_description
1 polymer 'Cathepsin L1'
2 non-polymer (3~{S},14~{E})-19-chloranyl-~{N}-(1-cyanocyclopropyl)-5-oxidanylidene-12,17-dioxa-4-azatricyclo[16.2.2.0^{6,11}]docosa-1(21),6(11),7,9,14,18(22),19-heptaene-3-carboxamide
3 non-polymer GLYCEROL
4 water water
#
_entity_poly.entity_id   1
_entity_poly.type   'polypeptide(L)'
_entity_poly.pdbx_seq_one_letter_code
;APRSVDWREKGYVTPVKNQGQCGSCWAFSATGALEGQMFRKTGRLISLSEQNLVDCSGPQGNEGCNGGLMDYAFQYVQDN
GGLDSEESYPYEATEESCKYNPKYSVANDTGFVDIPKQEKALMKAVATVGPISVAIDAGHESFLFYKEGIYFEPDCSSED
MDHGVLVVGYGFESTESDNNKYWLVKNSWGEEWGMGGYVKMAKDRRNHCGIASAASYPTV
;
_entity_poly.pdbx_strand_id   A
#
# COMPACT_ATOMS: atom_id res chain seq x y z
N ALA A 1 -5.16 -2.09 -21.66
CA ALA A 1 -4.41 -1.25 -20.68
C ALA A 1 -3.22 -0.56 -21.36
N PRO A 2 -2.84 0.65 -20.88
CA PRO A 2 -1.62 1.28 -21.41
C PRO A 2 -0.36 0.44 -21.17
N ARG A 3 0.68 0.68 -21.97
CA ARG A 3 1.93 -0.05 -21.83
C ARG A 3 2.65 0.26 -20.51
N SER A 4 2.39 1.44 -19.95
CA SER A 4 3.00 1.82 -18.68
C SER A 4 2.09 2.86 -18.00
N VAL A 5 2.14 2.87 -16.67
CA VAL A 5 1.37 3.77 -15.84
C VAL A 5 2.25 4.17 -14.65
N ASP A 6 2.17 5.43 -14.23
CA ASP A 6 2.82 5.90 -13.00
C ASP A 6 1.91 6.97 -12.39
N TRP A 7 1.34 6.67 -11.23
CA TRP A 7 0.46 7.65 -10.56
C TRP A 7 1.22 8.69 -9.74
N ARG A 8 2.51 8.46 -9.52
CA ARG A 8 3.31 9.37 -8.71
C ARG A 8 3.33 10.77 -9.29
N GLU A 9 3.39 10.90 -10.61
CA GLU A 9 3.51 12.21 -11.22
C GLU A 9 2.17 12.89 -11.42
N LYS A 10 1.08 12.17 -11.11
CA LYS A 10 -0.27 12.67 -11.32
C LYS A 10 -0.94 13.21 -10.05
N GLY A 11 -0.20 13.24 -8.94
CA GLY A 11 -0.71 13.84 -7.72
C GLY A 11 -1.36 12.88 -6.73
N TYR A 12 -1.31 11.59 -7.03
CA TYR A 12 -2.02 10.59 -6.19
C TYR A 12 -1.22 10.03 -4.99
N VAL A 13 0.07 10.35 -4.91
CA VAL A 13 0.95 9.59 -4.03
C VAL A 13 1.74 10.53 -3.11
N THR A 14 1.67 10.31 -1.79
CA THR A 14 2.41 11.13 -0.80
C THR A 14 3.88 10.71 -0.81
N PRO A 15 4.77 11.52 -0.22
CA PRO A 15 6.17 11.06 -0.09
C PRO A 15 6.28 9.73 0.67
N VAL A 16 7.38 9.03 0.44
CA VAL A 16 7.67 7.78 1.14
C VAL A 16 7.75 8.02 2.67
N LYS A 17 7.09 7.12 3.41
CA LYS A 17 7.06 7.12 4.87
C LYS A 17 7.91 5.98 5.43
N ASN A 18 8.10 5.98 6.74
CA ASN A 18 8.91 4.95 7.36
C ASN A 18 8.17 4.37 8.56
N GLN A 19 7.83 3.10 8.49
CA GLN A 19 7.10 2.45 9.57
C GLN A 19 7.95 2.20 10.81
N GLY A 20 9.28 2.24 10.66
CA GLY A 20 10.19 2.01 11.79
C GLY A 20 10.01 0.63 12.40
N GLN A 21 10.20 0.54 13.71
CA GLN A 21 10.20 -0.75 14.38
C GLN A 21 8.79 -1.06 14.92
N CYS A 22 7.87 -1.22 13.98
CA CYS A 22 6.47 -1.50 14.27
C CYS A 22 5.94 -2.23 13.05
N GLY A 23 5.17 -3.29 13.29
CA GLY A 23 4.61 -4.13 12.21
C GLY A 23 3.35 -3.51 11.59
N SER A 24 3.50 -2.31 11.05
CA SER A 24 2.37 -1.53 10.59
C SER A 24 2.33 -1.37 9.07
N CYS A 25 3.03 -2.24 8.33
CA CYS A 25 3.03 -2.18 6.86
C CYS A 25 1.63 -2.06 6.26
N TRP A 26 0.70 -2.83 6.81
CA TRP A 26 -0.71 -2.85 6.35
C TRP A 26 -1.35 -1.46 6.51
N ALA A 27 -0.95 -0.70 7.53
CA ALA A 27 -1.52 0.63 7.75
C ALA A 27 -1.01 1.61 6.72
N PHE A 28 0.28 1.50 6.38
CA PHE A 28 0.87 2.31 5.32
C PHE A 28 0.33 1.98 3.95
N SER A 29 0.14 0.70 3.67
CA SER A 29 -0.48 0.35 2.43
C SER A 29 -1.90 0.90 2.33
N ALA A 30 -2.68 0.78 3.42
CA ALA A 30 -4.08 1.22 3.40
C ALA A 30 -4.13 2.75 3.27
N THR A 31 -3.32 3.49 4.04
CA THR A 31 -3.36 4.94 3.90
C THR A 31 -2.92 5.37 2.50
N GLY A 32 -1.96 4.67 1.90
CA GLY A 32 -1.56 4.98 0.53
C GLY A 32 -2.72 4.84 -0.44
N ALA A 33 -3.45 3.73 -0.34
CA ALA A 33 -4.52 3.51 -1.28
C ALA A 33 -5.67 4.48 -1.05
N LEU A 34 -5.91 4.83 0.21
CA LEU A 34 -6.96 5.81 0.53
C LEU A 34 -6.55 7.22 0.12
N GLU A 35 -5.27 7.54 0.27
CA GLU A 35 -4.75 8.85 -0.15
C GLU A 35 -5.02 9.01 -1.64
N GLY A 36 -4.73 7.95 -2.41
CA GLY A 36 -4.96 8.00 -3.86
C GLY A 36 -6.43 8.16 -4.20
N GLN A 37 -7.33 7.44 -3.51
CA GLN A 37 -8.74 7.48 -3.88
C GLN A 37 -9.39 8.78 -3.41
N MET A 38 -8.94 9.30 -2.28
CA MET A 38 -9.40 10.63 -1.87
C MET A 38 -8.97 11.71 -2.86
N PHE A 39 -7.73 11.66 -3.34
CA PHE A 39 -7.28 12.59 -4.38
C PHE A 39 -8.08 12.48 -5.66
N ARG A 40 -8.32 11.26 -6.12
CA ARG A 40 -9.20 11.02 -7.26
C ARG A 40 -10.55 11.72 -7.06
N LYS A 41 -11.07 11.72 -5.84
CA LYS A 41 -12.40 12.27 -5.58
C LYS A 41 -12.37 13.80 -5.44
N THR A 42 -11.38 14.32 -4.74
CA THR A 42 -11.41 15.73 -4.33
C THR A 42 -10.38 16.61 -5.03
N GLY A 43 -9.38 15.99 -5.64
CA GLY A 43 -8.23 16.73 -6.17
C GLY A 43 -7.25 17.24 -5.12
N ARG A 44 -7.39 16.77 -3.87
CA ARG A 44 -6.49 17.15 -2.77
C ARG A 44 -5.79 15.95 -2.19
N LEU A 45 -4.47 16.04 -2.12
CA LEU A 45 -3.65 14.97 -1.56
C LEU A 45 -3.32 15.33 -0.13
N ILE A 46 -3.81 14.53 0.81
CA ILE A 46 -3.60 14.80 2.22
C ILE A 46 -3.11 13.51 2.87
N SER A 47 -1.97 13.60 3.54
CA SER A 47 -1.36 12.46 4.20
C SER A 47 -2.22 12.04 5.40
N LEU A 48 -2.48 10.73 5.46
CA LEU A 48 -3.41 10.15 6.43
C LEU A 48 -2.73 9.48 7.62
N SER A 49 -3.44 9.31 8.73
CA SER A 49 -2.82 8.82 9.96
C SER A 49 -2.75 7.28 10.01
N GLU A 50 -1.54 6.72 9.81
CA GLU A 50 -1.33 5.30 10.13
C GLU A 50 -1.56 5.01 11.62
N GLN A 51 -1.22 5.95 12.49
CA GLN A 51 -1.34 5.70 13.91
C GLN A 51 -2.78 5.47 14.30
N ASN A 52 -3.66 6.26 13.71
CA ASN A 52 -5.11 6.13 13.91
C ASN A 52 -5.55 4.67 13.62
N LEU A 53 -5.03 4.11 12.53
CA LEU A 53 -5.32 2.71 12.20
C LEU A 53 -4.70 1.70 13.17
N VAL A 54 -3.42 1.86 13.50
CA VAL A 54 -2.75 0.98 14.47
C VAL A 54 -3.49 0.97 15.82
N ASP A 55 -3.87 2.16 16.29
CA ASP A 55 -4.50 2.30 17.62
C ASP A 55 -5.95 1.83 17.67
N CYS A 56 -6.69 2.00 16.58
CA CYS A 56 -8.17 1.93 16.64
C CYS A 56 -8.85 0.78 15.91
N SER A 57 -8.14 0.09 14.99
CA SER A 57 -8.80 -0.88 14.12
C SER A 57 -8.69 -2.33 14.62
N GLY A 58 -8.37 -2.50 15.91
CA GLY A 58 -8.45 -3.83 16.57
C GLY A 58 -9.76 -4.59 16.35
N PRO A 59 -10.91 -3.92 16.53
CA PRO A 59 -12.19 -4.62 16.41
C PRO A 59 -12.46 -5.19 15.02
N GLN A 60 -11.87 -4.58 14.00
CA GLN A 60 -12.03 -5.05 12.64
C GLN A 60 -11.10 -6.21 12.31
N GLY A 61 -10.19 -6.56 13.25
CA GLY A 61 -9.31 -7.72 13.05
C GLY A 61 -7.83 -7.39 12.98
N ASN A 62 -7.48 -6.11 13.06
CA ASN A 62 -6.05 -5.77 13.09
C ASN A 62 -5.37 -5.99 14.44
N GLU A 63 -4.05 -6.19 14.39
CA GLU A 63 -3.23 -6.55 15.57
C GLU A 63 -2.16 -5.49 15.84
N GLY A 64 -2.46 -4.24 15.52
CA GLY A 64 -1.58 -3.09 15.86
C GLY A 64 -0.19 -3.27 15.29
N CYS A 65 0.84 -3.16 16.14
CA CYS A 65 2.25 -3.33 15.70
C CYS A 65 2.65 -4.78 15.43
N ASN A 66 1.75 -5.74 15.66
CA ASN A 66 2.02 -7.12 15.28
C ASN A 66 1.62 -7.42 13.84
N GLY A 67 0.73 -6.60 13.27
CA GLY A 67 0.31 -6.80 11.88
C GLY A 67 -1.17 -6.59 11.67
N GLY A 68 -1.61 -6.77 10.42
CA GLY A 68 -2.98 -6.40 10.09
C GLY A 68 -3.22 -6.60 8.61
N LEU A 69 -4.44 -6.31 8.17
CA LEU A 69 -4.80 -6.38 6.77
C LEU A 69 -5.32 -5.05 6.27
N MET A 70 -5.01 -4.73 5.01
CA MET A 70 -5.51 -3.49 4.43
C MET A 70 -7.04 -3.44 4.38
N ASP A 71 -7.69 -4.57 4.06
CA ASP A 71 -9.15 -4.59 4.01
C ASP A 71 -9.77 -4.31 5.39
N TYR A 72 -9.12 -4.78 6.46
CA TYR A 72 -9.63 -4.50 7.80
C TYR A 72 -9.48 -3.00 8.11
N ALA A 73 -8.38 -2.39 7.62
CA ALA A 73 -8.23 -0.93 7.74
C ALA A 73 -9.34 -0.16 7.00
N PHE A 74 -9.63 -0.56 5.75
CA PHE A 74 -10.70 0.09 5.00
C PHE A 74 -12.07 -0.11 5.69
N GLN A 75 -12.28 -1.29 6.28
CA GLN A 75 -13.50 -1.53 7.05
C GLN A 75 -13.59 -0.61 8.28
N TYR A 76 -12.48 -0.46 9.00
CA TYR A 76 -12.46 0.45 10.13
C TYR A 76 -12.88 1.86 9.66
N VAL A 77 -12.30 2.36 8.58
CA VAL A 77 -12.62 3.73 8.15
C VAL A 77 -14.12 3.86 7.86
N GLN A 78 -14.67 2.84 7.17
CA GLN A 78 -16.09 2.79 6.90
C GLN A 78 -16.93 2.80 8.19
N ASP A 79 -16.64 1.88 9.11
CA ASP A 79 -17.36 1.77 10.38
C ASP A 79 -17.26 3.02 11.23
N ASN A 80 -16.07 3.62 11.23
CA ASN A 80 -15.71 4.77 12.05
C ASN A 80 -16.25 6.09 11.48
N GLY A 81 -16.56 6.09 10.19
CA GLY A 81 -17.04 7.29 9.50
C GLY A 81 -15.94 8.28 9.19
N GLY A 82 -14.68 7.92 9.40
CA GLY A 82 -13.60 8.84 9.08
C GLY A 82 -12.23 8.35 9.48
N LEU A 83 -11.22 9.15 9.17
CA LEU A 83 -9.82 8.85 9.49
C LEU A 83 -9.11 10.18 9.62
N ASP A 84 -8.34 10.35 10.69
CA ASP A 84 -7.64 11.60 10.95
C ASP A 84 -6.46 11.78 10.00
N SER A 85 -6.08 13.04 9.76
CA SER A 85 -4.89 13.37 8.99
C SER A 85 -3.64 12.95 9.75
N GLU A 86 -2.56 12.75 9.00
CA GLU A 86 -1.25 12.48 9.58
C GLU A 86 -0.81 13.61 10.52
N GLU A 87 -1.07 14.86 10.11
CA GLU A 87 -0.70 16.02 10.90
C GLU A 87 -1.38 16.02 12.28
N SER A 88 -2.65 15.66 12.31
CA SER A 88 -3.42 15.68 13.56
C SER A 88 -3.18 14.48 14.49
N TYR A 89 -2.64 13.40 13.94
CA TYR A 89 -2.56 12.16 14.69
C TYR A 89 -1.28 11.49 14.21
N PRO A 90 -0.13 12.01 14.68
CA PRO A 90 1.16 11.62 14.15
C PRO A 90 1.58 10.19 14.48
N TYR A 91 2.53 9.72 13.69
CA TYR A 91 2.98 8.35 13.74
C TYR A 91 4.02 8.15 14.85
N GLU A 92 3.80 7.13 15.67
CA GLU A 92 4.64 6.89 16.87
C GLU A 92 5.39 5.57 16.82
N ALA A 93 5.04 4.70 15.89
CA ALA A 93 5.66 3.36 15.73
C ALA A 93 5.49 2.50 16.99
N THR A 94 4.42 2.75 17.73
CA THR A 94 4.03 1.90 18.86
C THR A 94 2.51 1.97 19.05
N GLU A 95 1.91 0.93 19.63
CA GLU A 95 0.46 0.89 19.74
C GLU A 95 0.03 1.50 21.05
N GLU A 96 -0.87 2.48 20.96
CA GLU A 96 -1.40 3.10 22.16
C GLU A 96 -2.91 3.24 22.11
N SER A 97 -3.50 4.02 23.03
CA SER A 97 -4.96 4.10 23.13
C SER A 97 -5.56 4.77 21.90
N CYS A 98 -6.78 4.40 21.53
CA CYS A 98 -7.44 5.09 20.43
C CYS A 98 -7.71 6.56 20.80
N LYS A 99 -7.24 7.47 19.95
CA LYS A 99 -7.40 8.91 20.16
C LYS A 99 -8.05 9.59 18.96
N TYR A 100 -8.82 8.80 18.20
CA TYR A 100 -9.55 9.35 17.07
C TYR A 100 -10.43 10.54 17.50
N ASN A 101 -10.36 11.61 16.71
CA ASN A 101 -11.19 12.79 16.92
C ASN A 101 -11.84 13.14 15.58
N PRO A 102 -13.17 13.05 15.49
CA PRO A 102 -13.83 13.27 14.20
C PRO A 102 -13.68 14.69 13.64
N LYS A 103 -13.34 15.65 14.49
CA LYS A 103 -13.14 17.02 14.06
C LYS A 103 -11.97 17.10 13.06
N TYR A 104 -11.03 16.18 13.19
CA TYR A 104 -9.82 16.17 12.36
C TYR A 104 -9.84 15.11 11.27
N SER A 105 -11.00 14.47 11.04
CA SER A 105 -11.13 13.54 9.92
C SER A 105 -10.98 14.27 8.57
N VAL A 106 -10.19 13.69 7.69
CA VAL A 106 -10.03 14.22 6.33
C VAL A 106 -10.30 13.19 5.24
N ALA A 107 -10.75 12.00 5.63
CA ALA A 107 -10.97 10.92 4.66
C ALA A 107 -12.07 10.00 5.14
N ASN A 108 -12.73 9.37 4.19
CA ASN A 108 -13.80 8.43 4.45
C ASN A 108 -13.74 7.33 3.39
N ASP A 109 -14.37 6.20 3.66
CA ASP A 109 -14.60 5.23 2.59
C ASP A 109 -15.92 4.52 2.78
N THR A 110 -16.40 3.95 1.68
CA THR A 110 -17.74 3.31 1.68
C THR A 110 -17.62 1.81 1.52
N GLY A 111 -16.40 1.30 1.57
CA GLY A 111 -16.17 -0.13 1.42
C GLY A 111 -14.83 -0.32 0.74
N PHE A 112 -14.70 -1.45 0.07
CA PHE A 112 -13.48 -1.79 -0.64
C PHE A 112 -13.80 -2.82 -1.70
N VAL A 113 -12.89 -2.99 -2.66
CA VAL A 113 -13.01 -3.93 -3.76
C VAL A 113 -11.78 -4.84 -3.71
N ASP A 114 -11.99 -6.15 -3.67
CA ASP A 114 -10.91 -7.13 -3.84
C ASP A 114 -10.77 -7.48 -5.32
N ILE A 115 -9.55 -7.36 -5.83
CA ILE A 115 -9.29 -7.55 -7.26
C ILE A 115 -9.06 -9.03 -7.51
N PRO A 116 -9.58 -9.57 -8.63
CA PRO A 116 -9.35 -10.98 -8.97
C PRO A 116 -7.84 -11.28 -8.97
N LYS A 117 -7.47 -12.50 -8.56
CA LYS A 117 -6.07 -12.83 -8.25
C LYS A 117 -5.22 -13.11 -9.50
N GLN A 118 -5.30 -12.22 -10.48
CA GLN A 118 -4.54 -12.37 -11.73
C GLN A 118 -3.78 -11.09 -12.02
N GLU A 119 -2.55 -11.21 -12.51
CA GLU A 119 -1.78 -10.00 -12.83
C GLU A 119 -2.44 -9.13 -13.90
N LYS A 120 -3.15 -9.75 -14.85
CA LYS A 120 -3.84 -8.96 -15.86
C LYS A 120 -4.95 -8.12 -15.18
N ALA A 121 -5.63 -8.68 -14.18
CA ALA A 121 -6.68 -7.93 -13.48
C ALA A 121 -6.08 -6.80 -12.64
N LEU A 122 -4.94 -7.10 -12.00
CA LEU A 122 -4.20 -6.09 -11.24
C LEU A 122 -3.77 -4.93 -12.17
N MET A 123 -3.23 -5.27 -13.36
CA MET A 123 -2.86 -4.25 -14.34
C MET A 123 -4.04 -3.33 -14.74
N LYS A 124 -5.19 -3.92 -15.03
CA LYS A 124 -6.37 -3.16 -15.39
C LYS A 124 -6.81 -2.23 -14.25
N ALA A 125 -6.73 -2.75 -13.01
CA ALA A 125 -7.12 -1.96 -11.85
C ALA A 125 -6.15 -0.78 -11.64
N VAL A 126 -4.85 -1.04 -11.77
CA VAL A 126 -3.86 0.04 -11.61
C VAL A 126 -4.10 1.09 -12.69
N ALA A 127 -4.43 0.65 -13.91
CA ALA A 127 -4.59 1.59 -15.02
C ALA A 127 -5.83 2.47 -14.87
N THR A 128 -6.87 1.91 -14.26
CA THR A 128 -8.17 2.61 -14.22
C THR A 128 -8.60 3.20 -12.87
N VAL A 129 -7.99 2.77 -11.77
CA VAL A 129 -8.42 3.15 -10.42
C VAL A 129 -7.44 4.14 -9.79
N GLY A 130 -6.15 3.83 -9.87
CA GLY A 130 -5.10 4.55 -9.12
C GLY A 130 -4.26 3.53 -8.34
N PRO A 131 -3.50 4.00 -7.34
CA PRO A 131 -2.68 3.11 -6.51
C PRO A 131 -3.50 2.01 -5.82
N ILE A 132 -2.93 0.82 -5.77
CA ILE A 132 -3.62 -0.38 -5.28
C ILE A 132 -2.85 -0.99 -4.11
N SER A 133 -3.56 -1.33 -3.04
CA SER A 133 -2.93 -2.02 -1.92
C SER A 133 -2.70 -3.46 -2.34
N VAL A 134 -1.51 -3.97 -2.07
CA VAL A 134 -1.17 -5.37 -2.34
C VAL A 134 -0.32 -5.93 -1.24
N ALA A 135 -0.29 -7.27 -1.17
CA ALA A 135 0.63 -7.97 -0.28
C ALA A 135 1.61 -8.77 -1.10
N ILE A 136 2.85 -8.80 -0.60
CA ILE A 136 3.92 -9.55 -1.24
C ILE A 136 4.69 -10.40 -0.24
N ASP A 137 5.38 -11.41 -0.78
CA ASP A 137 6.37 -12.16 -0.04
C ASP A 137 7.68 -11.36 -0.03
N ALA A 138 7.89 -10.65 1.08
CA ALA A 138 9.07 -9.80 1.26
C ALA A 138 10.06 -10.49 2.20
N GLY A 139 9.81 -11.76 2.53
CA GLY A 139 10.55 -12.42 3.62
C GLY A 139 11.82 -13.10 3.13
N HIS A 140 12.61 -12.39 2.35
CA HIS A 140 13.91 -12.85 1.90
C HIS A 140 14.91 -11.73 2.05
N GLU A 141 16.16 -12.11 2.29
CA GLU A 141 17.21 -11.12 2.46
C GLU A 141 17.41 -10.28 1.20
N SER A 142 17.15 -10.86 0.03
CA SER A 142 17.27 -10.11 -1.22
C SER A 142 16.34 -8.89 -1.23
N PHE A 143 15.17 -9.03 -0.59
CA PHE A 143 14.27 -7.89 -0.44
C PHE A 143 14.73 -6.87 0.61
N LEU A 144 15.11 -7.38 1.79
CA LEU A 144 15.65 -6.54 2.84
C LEU A 144 16.78 -5.63 2.36
N PHE A 145 17.66 -6.18 1.52
CA PHE A 145 18.85 -5.45 1.00
C PHE A 145 18.71 -4.93 -0.42
N TYR A 146 17.48 -4.92 -0.93
CA TYR A 146 17.25 -4.41 -2.28
C TYR A 146 17.71 -2.95 -2.42
N LYS A 147 18.40 -2.67 -3.53
CA LYS A 147 18.86 -1.30 -3.80
C LYS A 147 18.27 -0.76 -5.11
N GLU A 148 18.30 -1.55 -6.17
CA GLU A 148 17.86 -1.10 -7.49
C GLU A 148 17.62 -2.24 -8.47
N GLY A 149 16.95 -1.94 -9.59
CA GLY A 149 16.72 -2.92 -10.61
C GLY A 149 15.38 -3.61 -10.46
N ILE A 150 15.14 -4.58 -11.33
CA ILE A 150 13.90 -5.33 -11.28
C ILE A 150 14.10 -6.49 -10.34
N TYR A 151 13.38 -6.45 -9.22
CA TYR A 151 13.50 -7.46 -8.20
C TYR A 151 12.89 -8.78 -8.67
N PHE A 152 13.69 -9.84 -8.58
CA PHE A 152 13.22 -11.17 -8.87
C PHE A 152 13.94 -12.09 -7.89
N GLU A 153 13.16 -12.82 -7.09
CA GLU A 153 13.71 -13.74 -6.08
C GLU A 153 13.22 -15.15 -6.40
N PRO A 154 14.12 -16.03 -6.91
CA PRO A 154 13.71 -17.41 -7.29
C PRO A 154 12.96 -18.18 -6.17
N ASP A 155 13.24 -17.90 -4.91
CA ASP A 155 12.53 -18.59 -3.82
C ASP A 155 11.26 -17.90 -3.35
N CYS A 156 10.76 -16.92 -4.10
CA CYS A 156 9.53 -16.21 -3.68
C CYS A 156 8.30 -17.12 -3.79
N SER A 157 7.37 -16.96 -2.85
CA SER A 157 6.07 -17.63 -2.90
C SER A 157 5.01 -16.73 -3.51
N SER A 158 4.11 -17.32 -4.31
CA SER A 158 2.95 -16.60 -4.83
C SER A 158 1.71 -16.72 -3.94
N GLU A 159 1.83 -17.48 -2.85
CA GLU A 159 0.66 -17.77 -1.99
C GLU A 159 0.87 -17.31 -0.56
N ASP A 160 2.12 -17.23 -0.11
CA ASP A 160 2.43 -16.89 1.27
C ASP A 160 3.08 -15.51 1.29
N MET A 161 2.25 -14.49 1.49
CA MET A 161 2.69 -13.09 1.52
C MET A 161 2.78 -12.61 2.95
N ASP A 162 3.67 -11.66 3.22
CA ASP A 162 3.87 -11.22 4.61
C ASP A 162 3.98 -9.70 4.76
N HIS A 163 3.80 -8.95 3.67
CA HIS A 163 4.15 -7.52 3.69
C HIS A 163 3.20 -6.71 2.80
N GLY A 164 2.45 -5.78 3.40
CA GLY A 164 1.57 -4.88 2.64
C GLY A 164 2.32 -3.68 2.10
N VAL A 165 2.11 -3.41 0.82
CA VAL A 165 2.78 -2.34 0.09
C VAL A 165 1.78 -1.73 -0.90
N LEU A 166 2.23 -0.82 -1.76
CA LEU A 166 1.27 -0.09 -2.63
C LEU A 166 1.81 -0.09 -4.05
N VAL A 167 1.03 -0.62 -5.00
CA VAL A 167 1.37 -0.53 -6.41
C VAL A 167 0.93 0.83 -6.95
N VAL A 168 1.89 1.58 -7.47
CA VAL A 168 1.62 2.92 -7.98
C VAL A 168 1.75 2.97 -9.51
N GLY A 169 2.03 1.84 -10.14
CA GLY A 169 2.22 1.86 -11.58
C GLY A 169 2.90 0.59 -12.05
N TYR A 170 3.29 0.59 -13.32
CA TYR A 170 3.98 -0.55 -13.94
C TYR A 170 4.61 -0.04 -15.22
N GLY A 171 5.56 -0.79 -15.74
CA GLY A 171 6.19 -0.43 -17.01
C GLY A 171 7.11 -1.54 -17.49
N PHE A 172 8.05 -1.18 -18.36
CA PHE A 172 8.96 -2.17 -18.92
C PHE A 172 10.30 -1.53 -19.18
N GLU A 173 11.36 -2.35 -19.19
CA GLU A 173 12.71 -1.87 -19.43
C GLU A 173 13.03 -2.14 -20.89
N SER A 174 12.98 -1.10 -21.72
CA SER A 174 13.22 -1.26 -23.17
C SER A 174 14.65 -1.68 -23.55
N THR A 175 15.62 -1.48 -22.66
CA THR A 175 17.02 -1.81 -22.94
C THR A 175 17.39 -3.26 -22.58
N ASN A 179 12.28 -10.76 -19.62
CA ASN A 179 12.08 -10.52 -18.20
C ASN A 179 12.22 -9.03 -17.87
N ASN A 180 11.58 -8.17 -18.66
CA ASN A 180 11.83 -6.75 -18.52
C ASN A 180 10.65 -5.93 -18.01
N LYS A 181 9.54 -6.58 -17.65
CA LYS A 181 8.39 -5.82 -17.13
C LYS A 181 8.43 -5.75 -15.61
N TYR A 182 7.82 -4.69 -15.05
CA TYR A 182 7.85 -4.46 -13.61
C TYR A 182 6.60 -3.73 -13.11
N TRP A 183 6.29 -3.96 -11.84
CA TRP A 183 5.32 -3.16 -11.09
C TRP A 183 6.10 -2.12 -10.31
N LEU A 184 5.60 -0.88 -10.26
CA LEU A 184 6.24 0.17 -9.43
C LEU A 184 5.58 0.11 -8.06
N VAL A 185 6.37 -0.19 -7.03
CA VAL A 185 5.85 -0.49 -5.71
C VAL A 185 6.44 0.46 -4.67
N LYS A 186 5.55 1.14 -3.96
CA LYS A 186 5.93 2.01 -2.84
C LYS A 186 6.01 1.21 -1.56
N ASN A 187 7.18 1.21 -0.92
CA ASN A 187 7.37 0.56 0.36
C ASN A 187 7.24 1.60 1.49
N SER A 188 7.26 1.14 2.75
CA SER A 188 7.14 2.02 3.92
C SER A 188 8.36 1.83 4.83
N TRP A 189 9.54 1.72 4.21
CA TRP A 189 10.79 1.50 4.94
C TRP A 189 11.72 2.72 4.81
N GLY A 190 11.13 3.86 4.53
CA GLY A 190 11.91 5.08 4.35
C GLY A 190 12.52 5.23 2.97
N GLU A 191 13.11 6.39 2.75
CA GLU A 191 13.64 6.77 1.43
C GLU A 191 15.02 6.19 1.11
N GLU A 192 15.71 5.68 2.12
CA GLU A 192 17.06 5.15 1.96
C GLU A 192 17.03 3.73 1.38
N TRP A 193 15.95 3.01 1.66
CA TRP A 193 15.75 1.67 1.14
C TRP A 193 15.37 1.69 -0.34
N GLY A 194 15.90 0.75 -1.12
CA GLY A 194 15.55 0.66 -2.54
C GLY A 194 15.82 1.92 -3.34
N MET A 195 14.97 2.18 -4.32
CA MET A 195 15.07 3.39 -5.17
C MET A 195 14.18 4.52 -4.59
N GLY A 196 14.74 5.30 -3.66
CA GLY A 196 14.00 6.36 -2.96
C GLY A 196 12.80 5.79 -2.21
N GLY A 197 12.93 4.53 -1.78
CA GLY A 197 11.85 3.88 -1.05
C GLY A 197 10.90 3.05 -1.90
N TYR A 198 11.16 3.01 -3.20
CA TYR A 198 10.39 2.22 -4.17
C TYR A 198 11.16 0.97 -4.61
N VAL A 199 10.42 -0.02 -5.08
CA VAL A 199 11.00 -1.23 -5.66
C VAL A 199 10.28 -1.50 -6.99
N LYS A 200 11.06 -1.91 -7.99
CA LYS A 200 10.50 -2.42 -9.24
C LYS A 200 10.39 -3.93 -9.08
N MET A 201 9.15 -4.43 -8.96
CA MET A 201 8.87 -5.86 -8.76
CA MET A 201 8.96 -5.86 -8.79
C MET A 201 8.62 -6.55 -10.10
N ALA A 202 9.22 -7.72 -10.32
CA ALA A 202 8.99 -8.48 -11.57
C ALA A 202 7.48 -8.64 -11.89
N LYS A 203 7.12 -8.26 -13.11
CA LYS A 203 5.74 -8.30 -13.61
C LYS A 203 5.62 -9.33 -14.72
N ASP A 204 4.50 -10.04 -14.71
CA ASP A 204 4.18 -11.06 -15.71
C ASP A 204 5.19 -12.21 -15.72
N ARG A 205 5.69 -12.53 -14.52
CA ARG A 205 6.54 -13.70 -14.30
C ARG A 205 5.85 -14.57 -13.27
N ARG A 206 4.65 -15.02 -13.65
CA ARG A 206 3.86 -15.97 -12.86
C ARG A 206 3.51 -15.47 -11.45
N ASN A 207 3.05 -14.22 -11.39
CA ASN A 207 2.58 -13.63 -10.12
C ASN A 207 3.69 -13.68 -9.07
N HIS A 208 4.84 -13.16 -9.46
CA HIS A 208 6.03 -13.17 -8.65
C HIS A 208 5.82 -12.51 -7.27
N CYS A 209 6.16 -13.27 -6.23
CA CYS A 209 5.98 -12.88 -4.82
C CYS A 209 4.53 -12.62 -4.40
N GLY A 210 3.58 -13.09 -5.21
CA GLY A 210 2.14 -13.04 -4.86
C GLY A 210 1.52 -11.65 -4.95
N ILE A 211 2.17 -10.78 -5.73
CA ILE A 211 1.70 -9.39 -5.86
C ILE A 211 0.22 -9.23 -6.30
N ALA A 212 -0.29 -10.18 -7.07
CA ALA A 212 -1.69 -10.15 -7.49
C ALA A 212 -2.62 -10.93 -6.58
N SER A 213 -2.11 -11.51 -5.50
CA SER A 213 -2.88 -12.48 -4.66
C SER A 213 -3.78 -11.88 -3.61
N ALA A 214 -3.49 -10.64 -3.20
CA ALA A 214 -4.27 -9.97 -2.15
C ALA A 214 -4.30 -8.47 -2.46
N ALA A 215 -4.79 -8.12 -3.64
CA ALA A 215 -4.85 -6.72 -4.08
C ALA A 215 -6.25 -6.15 -3.84
N SER A 216 -6.31 -4.93 -3.33
CA SER A 216 -7.60 -4.27 -3.08
C SER A 216 -7.46 -2.76 -3.03
N TYR A 217 -8.59 -2.05 -3.09
CA TYR A 217 -8.61 -0.61 -2.95
C TYR A 217 -9.91 -0.20 -2.27
N PRO A 218 -9.91 0.94 -1.57
CA PRO A 218 -11.12 1.46 -0.93
C PRO A 218 -12.02 2.18 -1.96
N THR A 219 -13.32 2.11 -1.73
CA THR A 219 -14.27 2.92 -2.48
C THR A 219 -14.60 4.18 -1.65
N VAL A 220 -14.80 5.32 -2.32
CA VAL A 220 -14.96 6.57 -1.58
C VAL A 220 -16.17 7.39 -2.06
#